data_1HSS
#
_entry.id   1HSS
#
_cell.length_a   79.300
_cell.length_b   79.300
_cell.length_c   60.800
_cell.angle_alpha   90.00
_cell.angle_beta   90.00
_cell.angle_gamma   120.00
#
_symmetry.space_group_name_H-M   'P 31'
#
loop_
_entity.id
_entity.type
_entity.pdbx_description
1 polymer '0.19 ALPHA-AMYLASE INHIBITOR'
2 water water
#
_entity_poly.entity_id   1
_entity_poly.type   'polypeptide(L)'
_entity_poly.pdbx_seq_one_letter_code
;SGPWMCYPGQAFQVPALPACRPLLRLQCNGSQVPEAVLRDCCQQLAHISEWCRCGALYSMLDSMYKEHGAQEGQAGTGAF
PRCRREVVKLTAASITAVCRLPIVVDASGDGAYVCKDVAAYPDA
;
_entity_poly.pdbx_strand_id   A,B,C,D
#
# COMPACT_ATOMS: atom_id res chain seq x y z
N MET A 5 -7.41 -4.90 33.17
CA MET A 5 -8.56 -4.06 32.69
C MET A 5 -8.20 -2.57 32.75
N CYS A 6 -8.98 -1.74 32.06
CA CYS A 6 -8.79 -0.29 32.14
C CYS A 6 -9.79 0.30 33.13
N TYR A 7 -9.34 0.62 34.34
CA TYR A 7 -10.27 1.11 35.34
C TYR A 7 -10.54 2.60 35.19
N PRO A 8 -11.83 2.94 34.96
CA PRO A 8 -12.31 4.33 35.01
C PRO A 8 -11.83 5.07 36.26
N GLY A 9 -11.18 6.21 36.05
CA GLY A 9 -10.66 6.97 37.18
C GLY A 9 -9.18 6.80 37.37
N GLN A 10 -8.61 5.73 36.81
CA GLN A 10 -7.16 5.60 36.84
C GLN A 10 -6.47 5.30 35.52
N ALA A 11 -7.04 4.44 34.68
CA ALA A 11 -6.53 4.29 33.33
C ALA A 11 -6.79 5.58 32.53
N PHE A 12 -7.83 6.30 32.93
CA PHE A 12 -8.16 7.58 32.33
C PHE A 12 -8.97 8.40 33.33
N GLN A 13 -8.86 9.73 33.27
CA GLN A 13 -9.67 10.64 34.09
C GLN A 13 -11.15 10.45 33.77
N VAL A 14 -12.00 10.55 34.78
CA VAL A 14 -13.44 10.57 34.61
C VAL A 14 -13.98 11.88 35.20
N PRO A 15 -14.96 12.53 34.53
CA PRO A 15 -15.59 12.17 33.25
C PRO A 15 -14.62 12.15 32.10
N ALA A 16 -14.77 11.13 31.25
CA ALA A 16 -13.75 10.79 30.27
C ALA A 16 -13.73 11.81 29.15
N LEU A 17 -12.54 12.18 28.70
CA LEU A 17 -12.36 12.96 27.47
C LEU A 17 -13.32 14.14 27.31
N PRO A 18 -13.25 15.12 28.23
CA PRO A 18 -14.07 16.33 28.18
C PRO A 18 -13.95 17.06 26.83
N ALA A 19 -12.74 17.09 26.28
CA ALA A 19 -12.48 17.82 25.05
C ALA A 19 -13.04 17.12 23.82
N CYS A 20 -13.33 15.84 23.94
CA CYS A 20 -13.81 15.09 22.80
C CYS A 20 -15.31 15.15 22.68
N ARG A 21 -15.98 15.58 23.73
CA ARG A 21 -17.42 15.58 23.74
C ARG A 21 -17.97 16.63 22.78
N PRO A 22 -17.36 17.81 22.74
CA PRO A 22 -17.76 18.79 21.73
C PRO A 22 -17.40 18.39 20.30
N LEU A 23 -16.27 17.69 20.12
CA LEU A 23 -15.90 17.15 18.84
C LEU A 23 -16.97 16.21 18.30
N LEU A 24 -17.37 15.24 19.11
CA LEU A 24 -18.38 14.24 18.74
C LEU A 24 -19.75 14.86 18.37
N ARG A 25 -20.15 15.92 19.06
CA ARG A 25 -21.38 16.64 18.75
C ARG A 25 -21.38 17.42 17.46
N LEU A 26 -20.21 17.97 17.08
CA LEU A 26 -20.01 18.58 15.77
C LEU A 26 -19.93 17.55 14.64
N GLN A 27 -19.12 16.53 14.84
CA GLN A 27 -18.97 15.51 13.84
C GLN A 27 -20.25 14.74 13.53
N CYS A 28 -21.06 14.43 14.54
CA CYS A 28 -22.18 13.51 14.30
C CYS A 28 -23.33 14.05 13.42
N ASN A 29 -23.33 15.35 13.14
CA ASN A 29 -24.16 15.89 12.07
C ASN A 29 -23.40 16.62 10.95
N GLY A 30 -22.09 16.36 10.86
CA GLY A 30 -21.33 16.83 9.72
C GLY A 30 -20.96 18.30 9.73
N SER A 31 -20.98 18.94 10.91
CA SER A 31 -20.58 20.34 11.01
C SER A 31 -19.11 20.44 10.79
N GLN A 32 -18.64 21.65 10.55
CA GLN A 32 -17.22 21.91 10.42
C GLN A 32 -16.59 21.91 11.81
N VAL A 33 -15.45 21.23 11.97
CA VAL A 33 -14.78 21.22 13.27
C VAL A 33 -13.54 22.11 13.27
N PRO A 34 -13.48 23.10 14.18
CA PRO A 34 -12.29 23.95 14.34
C PRO A 34 -11.07 23.14 14.73
N GLU A 35 -9.90 23.54 14.22
CA GLU A 35 -8.67 22.82 14.52
C GLU A 35 -8.34 22.74 16.01
N ALA A 36 -8.71 23.78 16.75
CA ALA A 36 -8.52 23.81 18.20
C ALA A 36 -9.30 22.71 18.94
N VAL A 37 -10.53 22.43 18.54
CA VAL A 37 -11.27 21.42 19.27
C VAL A 37 -10.87 20.00 18.87
N LEU A 38 -10.47 19.81 17.61
CA LEU A 38 -9.82 18.56 17.22
C LEU A 38 -8.53 18.33 18.04
N ARG A 39 -7.67 19.33 18.04
CA ARG A 39 -6.37 19.27 18.71
C ARG A 39 -6.47 18.86 20.19
N ASP A 40 -7.42 19.47 20.89
CA ASP A 40 -7.56 19.27 22.32
C ASP A 40 -8.14 17.90 22.64
N CYS A 41 -9.02 17.40 21.76
CA CYS A 41 -9.50 16.03 21.91
C CYS A 41 -8.40 15.00 21.70
N CYS A 42 -7.65 15.16 20.63
CA CYS A 42 -6.57 14.23 20.32
C CYS A 42 -5.47 14.23 21.38
N GLN A 43 -5.15 15.42 21.88
CA GLN A 43 -4.22 15.60 22.98
C GLN A 43 -4.59 14.79 24.22
N GLN A 44 -5.86 14.86 24.61
CA GLN A 44 -6.41 14.01 25.67
C GLN A 44 -6.37 12.50 25.36
N LEU A 45 -6.73 12.10 24.13
CA LEU A 45 -6.60 10.69 23.72
C LEU A 45 -5.15 10.21 23.73
N ALA A 46 -4.22 11.07 23.29
CA ALA A 46 -2.80 10.73 23.18
C ALA A 46 -2.19 10.30 24.52
N HIS A 47 -2.69 10.86 25.61
CA HIS A 47 -2.18 10.56 26.94
C HIS A 47 -2.64 9.22 27.51
N ILE A 48 -3.74 8.71 26.99
CA ILE A 48 -4.24 7.42 27.41
C ILE A 48 -3.52 6.36 26.60
N SER A 49 -3.23 5.21 27.24
CA SER A 49 -2.50 4.14 26.57
C SER A 49 -3.29 3.52 25.43
N GLU A 50 -2.57 2.91 24.49
CA GLU A 50 -3.19 2.17 23.37
C GLU A 50 -4.26 1.20 23.80
N TRP A 51 -4.06 0.62 24.98
CA TRP A 51 -4.95 -0.39 25.54
C TRP A 51 -6.25 0.18 26.08
N CYS A 52 -6.24 1.46 26.47
CA CYS A 52 -7.37 2.03 27.19
C CYS A 52 -8.07 3.14 26.44
N ARG A 53 -7.58 3.45 25.25
CA ARG A 53 -8.16 4.53 24.44
C ARG A 53 -9.61 4.26 24.06
N CYS A 54 -9.95 3.03 23.69
CA CYS A 54 -11.34 2.65 23.39
C CYS A 54 -12.23 2.62 24.62
N GLY A 55 -11.62 2.23 25.73
CA GLY A 55 -12.27 2.30 27.02
C GLY A 55 -12.63 3.69 27.49
N ALA A 56 -11.70 4.65 27.33
CA ALA A 56 -11.99 6.06 27.54
C ALA A 56 -13.15 6.59 26.69
N LEU A 57 -13.17 6.19 25.41
CA LEU A 57 -14.23 6.59 24.48
C LEU A 57 -15.59 5.97 24.83
N TYR A 58 -15.61 4.69 25.19
CA TYR A 58 -16.83 4.01 25.64
C TYR A 58 -17.45 4.72 26.86
N SER A 59 -16.60 5.00 27.85
CA SER A 59 -16.98 5.72 29.07
C SER A 59 -17.56 7.10 28.75
N MET A 60 -16.90 7.84 27.87
CA MET A 60 -17.39 9.15 27.42
C MET A 60 -18.80 9.10 26.79
N LEU A 61 -18.98 8.20 25.81
CA LEU A 61 -20.25 8.00 25.11
C LEU A 61 -21.38 7.59 26.06
N ASP A 62 -21.06 6.65 26.94
CA ASP A 62 -21.99 6.20 27.96
C ASP A 62 -22.43 7.35 28.89
N SER A 63 -21.48 8.12 29.39
CA SER A 63 -21.81 9.33 30.15
C SER A 63 -22.70 10.32 29.41
N MET A 64 -22.39 10.58 28.14
CA MET A 64 -23.19 11.50 27.34
C MET A 64 -24.63 11.04 27.20
N TYR A 65 -24.82 9.75 26.99
CA TYR A 65 -26.15 9.17 26.88
C TYR A 65 -26.90 9.08 28.20
N LYS A 66 -26.15 8.84 29.26
CA LYS A 66 -26.73 8.67 30.59
C LYS A 66 -27.01 9.98 31.30
N GLU A 67 -26.40 11.07 30.84
CA GLU A 67 -26.80 12.41 31.26
C GLU A 67 -27.92 12.95 30.35
N HIS A 68 -27.77 12.78 29.03
CA HIS A 68 -28.73 13.26 28.02
C HIS A 68 -29.52 14.53 28.36
N GLY A 78 -32.07 15.47 23.86
CA GLY A 78 -31.19 14.33 23.64
C GLY A 78 -29.72 14.71 23.79
N ALA A 79 -28.85 13.71 23.98
CA ALA A 79 -27.43 13.99 24.20
C ALA A 79 -26.76 14.52 22.91
N PHE A 80 -27.36 14.20 21.75
CA PHE A 80 -26.78 14.54 20.46
C PHE A 80 -27.75 15.22 19.50
N PRO A 81 -27.78 16.56 19.50
CA PRO A 81 -28.78 17.35 18.76
C PRO A 81 -28.56 17.25 17.25
N ARG A 82 -29.58 16.80 16.54
CA ARG A 82 -29.54 16.66 15.09
C ARG A 82 -28.70 15.47 14.62
N CYS A 83 -28.40 14.55 15.54
CA CYS A 83 -27.66 13.34 15.22
C CYS A 83 -28.45 12.04 15.37
N ARG A 84 -28.17 11.13 14.45
CA ARG A 84 -28.72 9.78 14.47
C ARG A 84 -27.92 8.85 15.36
N ARG A 85 -28.63 8.03 16.11
CA ARG A 85 -28.05 7.02 17.00
C ARG A 85 -26.91 6.23 16.34
N GLU A 86 -27.17 5.75 15.13
CA GLU A 86 -26.21 4.91 14.40
C GLU A 86 -24.90 5.65 14.07
N VAL A 87 -25.03 6.89 13.58
CA VAL A 87 -23.86 7.67 13.17
C VAL A 87 -23.11 8.20 14.39
N VAL A 88 -23.83 8.46 15.47
CA VAL A 88 -23.21 8.85 16.74
C VAL A 88 -22.21 7.80 17.23
N LYS A 89 -22.60 6.54 17.29
CA LYS A 89 -21.69 5.55 17.86
C LYS A 89 -20.64 5.11 16.87
N LEU A 90 -20.93 5.26 15.58
CA LEU A 90 -19.94 5.08 14.54
C LEU A 90 -18.90 6.19 14.55
N THR A 91 -19.32 7.42 14.83
CA THR A 91 -18.39 8.57 14.94
C THR A 91 -17.47 8.49 16.18
N ALA A 92 -18.07 8.16 17.32
CA ALA A 92 -17.31 7.94 18.52
C ALA A 92 -16.25 6.82 18.36
N ALA A 93 -16.60 5.75 17.64
CA ALA A 93 -15.72 4.59 17.40
C ALA A 93 -14.48 4.92 16.57
N SER A 94 -14.48 6.06 15.86
CA SER A 94 -13.37 6.35 14.94
C SER A 94 -12.70 7.69 15.22
N ILE A 95 -12.96 8.26 16.39
CA ILE A 95 -12.33 9.52 16.80
C ILE A 95 -10.81 9.37 16.96
N THR A 96 -10.45 8.15 17.31
CA THR A 96 -9.09 7.66 17.48
C THR A 96 -8.37 7.49 16.08
N ALA A 97 -9.14 7.11 15.07
CA ALA A 97 -8.67 7.16 13.68
C ALA A 97 -8.47 8.59 13.15
N VAL A 98 -9.41 9.49 13.41
CA VAL A 98 -9.23 10.85 12.93
C VAL A 98 -8.06 11.54 13.63
N CYS A 99 -7.78 11.12 14.86
CA CYS A 99 -6.57 11.55 15.58
C CYS A 99 -5.28 10.79 15.17
N ARG A 100 -5.40 9.80 14.31
CA ARG A 100 -4.26 8.92 13.93
C ARG A 100 -3.58 8.28 15.16
N LEU A 101 -4.40 7.85 16.12
CA LEU A 101 -3.91 7.21 17.33
C LEU A 101 -4.31 5.74 17.29
N PRO A 102 -3.34 4.82 17.30
CA PRO A 102 -3.67 3.39 17.30
C PRO A 102 -4.14 2.88 18.67
N ILE A 103 -4.90 1.81 18.62
CA ILE A 103 -5.46 1.18 19.79
C ILE A 103 -5.06 -0.30 19.70
N VAL A 104 -5.05 -1.03 20.82
CA VAL A 104 -4.93 -2.48 20.67
C VAL A 104 -6.27 -3.17 20.89
N VAL A 105 -6.64 -3.98 19.89
CA VAL A 105 -7.99 -4.50 19.73
C VAL A 105 -8.37 -5.47 20.85
N ASP A 106 -7.42 -6.30 21.24
CA ASP A 106 -7.58 -7.11 22.44
C ASP A 106 -6.26 -7.74 22.91
N ALA A 107 -6.40 -8.81 23.68
CA ALA A 107 -5.29 -9.44 24.38
C ALA A 107 -4.19 -9.94 23.45
N SER A 108 -4.55 -10.23 22.20
CA SER A 108 -3.59 -10.60 21.17
C SER A 108 -2.53 -9.52 20.96
N GLY A 109 -2.92 -8.27 21.16
CA GLY A 109 -2.03 -7.17 20.83
C GLY A 109 -2.20 -6.72 19.39
N ASP A 110 -3.25 -7.26 18.75
CA ASP A 110 -3.70 -6.81 17.43
C ASP A 110 -4.01 -5.33 17.45
N GLY A 111 -3.38 -4.57 16.55
CA GLY A 111 -3.61 -3.13 16.48
C GLY A 111 -4.71 -2.71 15.53
N ALA A 112 -5.23 -1.49 15.69
CA ALA A 112 -6.20 -0.90 14.77
C ALA A 112 -6.27 0.60 15.03
N TYR A 113 -7.16 1.31 14.32
CA TYR A 113 -7.38 2.76 14.56
C TYR A 113 -8.81 3.08 14.99
N VAL A 114 -9.54 2.04 15.34
CA VAL A 114 -10.98 2.07 15.33
C VAL A 114 -11.46 1.17 16.50
N CYS A 115 -12.47 1.62 17.22
CA CYS A 115 -12.96 0.93 18.42
C CYS A 115 -14.29 0.18 18.21
N LYS A 116 -14.22 -1.11 17.96
CA LYS A 116 -15.43 -1.90 17.66
C LYS A 116 -16.40 -2.06 18.83
N ASP A 117 -15.87 -2.05 20.05
CA ASP A 117 -16.69 -2.08 21.25
C ASP A 117 -17.59 -0.84 21.40
N VAL A 118 -17.04 0.32 21.03
CA VAL A 118 -17.79 1.58 21.02
C VAL A 118 -18.81 1.64 19.89
N ALA A 119 -18.49 1.09 18.72
CA ALA A 119 -19.43 1.01 17.60
C ALA A 119 -20.65 0.11 17.89
N ALA A 120 -20.50 -0.79 18.85
CA ALA A 120 -21.57 -1.70 19.22
C ALA A 120 -22.30 -1.32 20.51
N TYR A 121 -22.00 -0.17 21.06
CA TYR A 121 -22.69 0.37 22.23
C TYR A 121 -24.24 0.25 22.10
N PRO A 122 -24.95 -0.14 23.19
CA PRO A 122 -24.53 -0.25 24.59
C PRO A 122 -24.17 -1.67 25.00
N ASP A 123 -23.86 -2.51 24.02
CA ASP A 123 -23.50 -3.89 24.29
C ASP A 123 -21.98 -4.13 24.47
N ALA A 124 -21.24 -4.17 23.36
CA ALA A 124 -19.79 -4.42 23.41
C ALA A 124 -19.04 -3.20 23.93
N MET B 5 -29.45 8.52 -7.86
CA MET B 5 -28.44 7.50 -7.40
C MET B 5 -27.04 7.89 -7.89
N CYS B 6 -26.01 7.27 -7.29
CA CYS B 6 -24.61 7.53 -7.65
C CYS B 6 -24.11 6.41 -8.53
N TYR B 7 -24.12 6.64 -9.82
CA TYR B 7 -23.83 5.56 -10.75
C TYR B 7 -22.34 5.32 -10.86
N PRO B 8 -21.90 4.13 -10.45
CA PRO B 8 -20.50 3.71 -10.60
C PRO B 8 -20.02 3.96 -12.02
N GLY B 9 -18.88 4.62 -12.13
CA GLY B 9 -18.31 4.86 -13.44
C GLY B 9 -18.55 6.27 -13.93
N GLN B 10 -19.46 6.97 -13.26
CA GLN B 10 -19.67 8.37 -13.59
C GLN B 10 -19.76 9.29 -12.39
N ALA B 11 -20.46 8.90 -11.31
CA ALA B 11 -20.42 9.68 -10.07
C ALA B 11 -19.03 9.60 -9.49
N PHE B 12 -18.38 8.46 -9.73
CA PHE B 12 -17.00 8.21 -9.31
C PHE B 12 -16.37 7.22 -10.28
N GLN B 13 -15.06 7.32 -10.45
CA GLN B 13 -14.33 6.37 -11.29
C GLN B 13 -14.38 4.96 -10.72
N VAL B 14 -14.37 3.99 -11.62
CA VAL B 14 -14.28 2.61 -11.24
C VAL B 14 -13.13 1.97 -12.04
N PRO B 15 -12.32 1.14 -11.37
CA PRO B 15 -12.36 0.79 -9.95
C PRO B 15 -12.22 1.96 -8.95
N ALA B 16 -13.09 1.95 -7.94
CA ALA B 16 -13.27 3.10 -7.06
C ALA B 16 -12.04 3.33 -6.20
N LEU B 17 -11.59 4.57 -6.12
CA LEU B 17 -10.61 5.00 -5.11
C LEU B 17 -9.33 4.14 -5.02
N PRO B 18 -8.53 4.10 -6.09
CA PRO B 18 -7.25 3.39 -6.11
C PRO B 18 -6.29 3.82 -4.99
N ALA B 19 -6.29 5.12 -4.67
CA ALA B 19 -5.41 5.70 -3.67
C ALA B 19 -5.82 5.33 -2.26
N CYS B 20 -7.08 4.92 -2.10
CA CYS B 20 -7.63 4.61 -0.78
C CYS B 20 -7.51 3.15 -0.39
N ARG B 21 -7.27 2.28 -1.37
CA ARG B 21 -7.09 0.87 -1.06
C ARG B 21 -5.80 0.57 -0.27
N PRO B 22 -4.66 1.19 -0.64
CA PRO B 22 -3.46 1.07 0.21
C PRO B 22 -3.53 1.69 1.60
N LEU B 23 -4.28 2.79 1.73
CA LEU B 23 -4.62 3.35 3.03
C LEU B 23 -5.40 2.36 3.94
N LEU B 24 -6.45 1.75 3.39
CA LEU B 24 -7.28 0.82 4.17
C LEU B 24 -6.49 -0.40 4.66
N ARG B 25 -5.54 -0.86 3.85
CA ARG B 25 -4.69 -2.02 4.23
C ARG B 25 -3.65 -1.73 5.30
N LEU B 26 -3.22 -0.48 5.39
CA LEU B 26 -2.39 -0.02 6.49
C LEU B 26 -3.19 0.21 7.76
N GLN B 27 -4.33 0.88 7.63
CA GLN B 27 -5.14 1.22 8.81
C GLN B 27 -5.76 0.05 9.51
N CYS B 28 -6.17 -0.98 8.76
CA CYS B 28 -6.95 -2.05 9.35
C CYS B 28 -6.17 -2.94 10.32
N ASN B 29 -4.84 -2.82 10.32
CA ASN B 29 -4.05 -3.49 11.36
C ASN B 29 -3.14 -2.52 12.12
N GLY B 30 -3.49 -1.24 12.09
CA GLY B 30 -2.82 -0.26 12.92
C GLY B 30 -1.39 0.06 12.55
N SER B 31 -1.01 -0.16 11.31
CA SER B 31 0.29 0.30 10.82
C SER B 31 0.35 1.80 10.79
N GLN B 32 1.57 2.32 10.71
CA GLN B 32 1.79 3.74 10.50
C GLN B 32 1.46 4.11 9.06
N VAL B 33 0.68 5.17 8.85
CA VAL B 33 0.39 5.58 7.49
C VAL B 33 1.17 6.84 7.14
N PRO B 34 2.06 6.74 6.13
CA PRO B 34 2.71 7.93 5.55
C PRO B 34 1.70 9.01 5.21
N GLU B 35 2.09 10.26 5.39
CA GLU B 35 1.20 11.39 5.03
C GLU B 35 0.77 11.40 3.56
N ALA B 36 1.69 11.09 2.65
CA ALA B 36 1.42 11.05 1.23
C ALA B 36 0.27 10.08 0.88
N VAL B 37 0.20 8.90 1.50
CA VAL B 37 -0.83 7.94 1.12
C VAL B 37 -2.20 8.28 1.68
N LEU B 38 -2.22 8.88 2.86
CA LEU B 38 -3.42 9.52 3.38
C LEU B 38 -3.89 10.69 2.47
N ARG B 39 -2.97 11.60 2.14
CA ARG B 39 -3.22 12.77 1.31
C ARG B 39 -3.85 12.37 -0.03
N ASP B 40 -3.29 11.36 -0.68
CA ASP B 40 -3.75 10.98 -2.01
C ASP B 40 -5.13 10.38 -1.98
N CYS B 41 -5.40 9.60 -0.94
CA CYS B 41 -6.72 9.01 -0.77
C CYS B 41 -7.75 10.10 -0.56
N CYS B 42 -7.48 11.01 0.38
CA CYS B 42 -8.38 12.13 0.67
C CYS B 42 -8.66 13.08 -0.50
N GLN B 43 -7.62 13.40 -1.30
CA GLN B 43 -7.76 14.14 -2.54
C GLN B 43 -8.74 13.48 -3.53
N GLN B 44 -8.65 12.16 -3.66
CA GLN B 44 -9.58 11.40 -4.50
C GLN B 44 -10.99 11.41 -3.95
N LEU B 45 -11.15 11.20 -2.64
CA LEU B 45 -12.46 11.37 -2.00
C LEU B 45 -13.03 12.75 -2.18
N ALA B 46 -12.18 13.78 -2.03
CA ALA B 46 -12.62 15.18 -2.11
C ALA B 46 -13.36 15.50 -3.41
N HIS B 47 -12.94 14.88 -4.51
CA HIS B 47 -13.55 15.17 -5.83
C HIS B 47 -14.95 14.60 -6.01
N ILE B 48 -15.28 13.58 -5.24
CA ILE B 48 -16.59 12.96 -5.34
C ILE B 48 -17.54 13.76 -4.47
N SER B 49 -18.76 13.92 -4.94
CA SER B 49 -19.75 14.69 -4.23
C SER B 49 -20.07 14.09 -2.87
N GLU B 50 -20.49 14.95 -1.94
CA GLU B 50 -20.94 14.55 -0.58
C GLU B 50 -21.95 13.42 -0.60
N TRP B 51 -22.79 13.43 -1.62
CA TRP B 51 -23.83 12.44 -1.75
C TRP B 51 -23.29 11.09 -2.18
N CYS B 52 -22.11 11.07 -2.80
CA CYS B 52 -21.60 9.83 -3.36
C CYS B 52 -20.35 9.28 -2.73
N ARG B 53 -19.81 9.95 -1.72
CA ARG B 53 -18.56 9.49 -1.12
C ARG B 53 -18.66 8.13 -0.43
N CYS B 54 -19.82 7.83 0.16
CA CYS B 54 -20.03 6.53 0.80
C CYS B 54 -20.27 5.42 -0.21
N GLY B 55 -20.93 5.77 -1.32
CA GLY B 55 -21.04 4.86 -2.45
C GLY B 55 -19.72 4.48 -3.10
N ALA B 56 -18.80 5.43 -3.26
CA ALA B 56 -17.47 5.13 -3.76
C ALA B 56 -16.69 4.19 -2.82
N LEU B 57 -16.81 4.41 -1.52
CA LEU B 57 -16.16 3.59 -0.50
C LEU B 57 -16.75 2.17 -0.40
N TYR B 58 -18.06 2.07 -0.54
CA TYR B 58 -18.74 0.78 -0.62
C TYR B 58 -18.28 -0.03 -1.83
N SER B 59 -18.32 0.59 -3.01
CA SER B 59 -17.78 0.00 -4.23
C SER B 59 -16.31 -0.45 -4.09
N MET B 60 -15.45 0.39 -3.54
CA MET B 60 -14.06 0.03 -3.31
C MET B 60 -13.94 -1.19 -2.41
N LEU B 61 -14.64 -1.18 -1.28
CA LEU B 61 -14.58 -2.29 -0.34
C LEU B 61 -15.07 -3.61 -0.92
N ASP B 62 -16.18 -3.53 -1.64
CA ASP B 62 -16.75 -4.64 -2.36
C ASP B 62 -15.80 -5.21 -3.43
N SER B 63 -15.16 -4.35 -4.21
CA SER B 63 -14.13 -4.76 -5.17
C SER B 63 -12.96 -5.50 -4.52
N MET B 64 -12.45 -4.98 -3.40
CA MET B 64 -11.32 -5.59 -2.70
C MET B 64 -11.67 -6.97 -2.19
N TYR B 65 -12.86 -7.13 -1.66
CA TYR B 65 -13.32 -8.43 -1.18
C TYR B 65 -13.67 -9.42 -2.30
N LYS B 66 -14.14 -8.90 -3.43
CA LYS B 66 -14.50 -9.72 -4.57
C LYS B 66 -13.31 -10.10 -5.48
N GLU B 67 -12.21 -9.37 -5.37
CA GLU B 67 -10.95 -9.79 -5.99
C GLU B 67 -10.15 -10.72 -5.05
N HIS B 68 -10.05 -10.32 -3.78
CA HIS B 68 -9.34 -11.06 -2.72
C HIS B 68 -8.11 -11.88 -3.11
N GLY B 78 -5.99 -13.36 1.62
CA GLY B 78 -7.18 -12.54 1.81
C GLY B 78 -6.95 -11.13 1.28
N ALA B 79 -8.04 -10.35 1.13
CA ALA B 79 -7.93 -9.00 0.60
C ALA B 79 -7.21 -8.09 1.60
N PHE B 80 -7.27 -8.47 2.88
CA PHE B 80 -6.76 -7.64 3.97
C PHE B 80 -5.86 -8.41 4.93
N PRO B 81 -4.56 -8.46 4.61
CA PRO B 81 -3.60 -9.24 5.38
C PRO B 81 -3.49 -8.74 6.83
N ARG B 82 -3.66 -9.65 7.79
CA ARG B 82 -3.51 -9.34 9.23
C ARG B 82 -4.63 -8.44 9.78
N CYS B 83 -5.73 -8.35 9.04
CA CYS B 83 -6.87 -7.54 9.44
C CYS B 83 -8.17 -8.35 9.70
N ARG B 84 -8.90 -7.96 10.73
CA ARG B 84 -10.13 -8.61 11.07
C ARG B 84 -11.25 -8.03 10.24
N ARG B 85 -12.14 -8.88 9.74
CA ARG B 85 -13.36 -8.46 9.04
C ARG B 85 -14.07 -7.26 9.65
N GLU B 86 -14.34 -7.31 10.96
CA GLU B 86 -15.09 -6.26 11.66
C GLU B 86 -14.39 -4.91 11.61
N VAL B 87 -13.10 -4.90 11.91
CA VAL B 87 -12.37 -3.65 11.92
C VAL B 87 -12.12 -3.12 10.50
N VAL B 88 -12.00 -4.02 9.52
CA VAL B 88 -11.86 -3.60 8.11
C VAL B 88 -13.04 -2.76 7.69
N LYS B 89 -14.26 -3.21 7.94
CA LYS B 89 -15.42 -2.46 7.46
C LYS B 89 -15.76 -1.23 8.32
N LEU B 90 -15.33 -1.27 9.58
CA LEU B 90 -15.35 -0.08 10.44
C LEU B 90 -14.36 1.00 10.02
N THR B 91 -13.17 0.58 9.60
CA THR B 91 -12.13 1.49 9.10
C THR B 91 -12.53 2.11 7.73
N ALA B 92 -13.05 1.29 6.82
CA ALA B 92 -13.49 1.81 5.53
C ALA B 92 -14.61 2.84 5.74
N ALA B 93 -15.49 2.59 6.71
CA ALA B 93 -16.63 3.47 7.01
C ALA B 93 -16.26 4.84 7.58
N SER B 94 -15.02 5.01 8.03
CA SER B 94 -14.61 6.26 8.64
C SER B 94 -13.40 6.94 7.99
N ILE B 95 -13.02 6.47 6.81
CA ILE B 95 -11.90 7.03 6.06
C ILE B 95 -12.23 8.51 5.75
N THR B 96 -13.52 8.73 5.59
CA THR B 96 -14.07 10.01 5.21
C THR B 96 -14.06 10.97 6.42
N ALA B 97 -14.15 10.37 7.60
CA ALA B 97 -13.91 11.10 8.85
C ALA B 97 -12.45 11.48 9.07
N VAL B 98 -11.52 10.56 8.79
CA VAL B 98 -10.11 10.90 8.95
C VAL B 98 -9.64 11.93 7.92
N CYS B 99 -10.30 11.95 6.75
CA CYS B 99 -10.12 13.01 5.73
C CYS B 99 -10.84 14.35 6.02
N ARG B 100 -11.69 14.36 7.05
CA ARG B 100 -12.55 15.50 7.39
C ARG B 100 -13.38 15.93 6.20
N LEU B 101 -13.90 14.94 5.50
CA LEU B 101 -14.79 15.12 4.38
C LEU B 101 -16.20 14.69 4.79
N PRO B 102 -17.15 15.65 4.86
CA PRO B 102 -18.54 15.29 5.15
C PRO B 102 -19.23 14.54 4.02
N ILE B 103 -20.22 13.75 4.41
CA ILE B 103 -21.05 13.00 3.49
C ILE B 103 -22.50 13.35 3.80
N VAL B 104 -23.44 13.14 2.89
CA VAL B 104 -24.84 13.27 3.30
C VAL B 104 -25.50 11.91 3.47
N VAL B 105 -26.10 11.73 4.66
CA VAL B 105 -26.51 10.42 5.17
C VAL B 105 -27.60 9.84 4.31
N ASP B 106 -28.57 10.68 3.93
CA ASP B 106 -29.55 10.28 2.94
C ASP B 106 -30.33 11.45 2.37
N ALA B 107 -31.54 11.14 1.90
CA ALA B 107 -32.37 12.07 1.13
C ALA B 107 -32.78 13.33 1.91
N SER B 108 -32.83 13.23 3.24
CA SER B 108 -33.05 14.39 4.12
C SER B 108 -32.01 15.51 3.91
N GLY B 109 -30.79 15.14 3.53
CA GLY B 109 -29.70 16.11 3.51
C GLY B 109 -28.92 16.16 4.83
N ASP B 110 -29.27 15.25 5.74
CA ASP B 110 -28.57 15.10 7.01
C ASP B 110 -27.10 14.82 6.72
N GLY B 111 -26.22 15.57 7.35
CA GLY B 111 -24.80 15.35 7.18
C GLY B 111 -24.17 14.44 8.23
N ALA B 112 -22.97 13.93 7.92
CA ALA B 112 -22.17 13.16 8.87
C ALA B 112 -20.73 13.09 8.31
N TYR B 113 -19.87 12.34 8.98
CA TYR B 113 -18.47 12.17 8.54
C TYR B 113 -18.17 10.70 8.37
N VAL B 114 -19.21 9.89 8.40
CA VAL B 114 -19.07 8.46 8.65
C VAL B 114 -20.11 7.72 7.78
N CYS B 115 -19.71 6.59 7.19
CA CYS B 115 -20.57 5.84 6.25
C CYS B 115 -21.16 4.57 6.85
N LYS B 116 -22.41 4.65 7.29
CA LYS B 116 -23.05 3.53 7.98
C LYS B 116 -23.34 2.33 7.05
N ASP B 117 -23.67 2.63 5.79
CA ASP B 117 -23.88 1.60 4.79
C ASP B 117 -22.62 0.75 4.60
N VAL B 118 -21.46 1.40 4.64
CA VAL B 118 -20.19 0.70 4.53
C VAL B 118 -19.85 -0.11 5.80
N ALA B 119 -20.20 0.43 6.96
CA ALA B 119 -19.97 -0.27 8.23
C ALA B 119 -20.79 -1.55 8.36
N ALA B 120 -21.88 -1.64 7.62
CA ALA B 120 -22.74 -2.81 7.64
C ALA B 120 -22.54 -3.77 6.46
N TYR B 121 -21.55 -3.50 5.61
CA TYR B 121 -21.20 -4.37 4.47
C TYR B 121 -21.20 -5.86 4.89
N PRO B 122 -21.82 -6.76 4.08
CA PRO B 122 -22.23 -6.64 2.66
C PRO B 122 -23.72 -6.37 2.45
N ASP B 123 -24.39 -5.94 3.51
CA ASP B 123 -25.82 -5.65 3.45
C ASP B 123 -26.14 -4.21 3.01
N ALA B 124 -26.04 -3.27 3.94
CA ALA B 124 -26.39 -1.87 3.67
C ALA B 124 -25.31 -1.16 2.84
N MET C 5 4.45 11.56 -26.60
CA MET C 5 4.89 11.47 -25.17
C MET C 5 3.80 10.91 -24.25
N CYS C 6 4.19 10.53 -23.04
CA CYS C 6 3.22 10.03 -22.07
C CYS C 6 2.92 11.13 -21.09
N TYR C 7 1.79 11.79 -21.26
CA TYR C 7 1.45 12.90 -20.40
C TYR C 7 0.86 12.47 -19.08
N PRO C 8 1.53 12.83 -17.98
CA PRO C 8 1.00 12.60 -16.63
C PRO C 8 -0.43 13.12 -16.53
N GLY C 9 -1.33 12.31 -16.00
CA GLY C 9 -2.69 12.77 -15.81
C GLY C 9 -3.63 12.28 -16.88
N GLN C 10 -3.04 11.88 -17.99
CA GLN C 10 -3.85 11.23 -19.00
C GLN C 10 -3.32 9.84 -19.49
N ALA C 11 -2.03 9.70 -19.80
CA ALA C 11 -1.48 8.38 -20.16
C ALA C 11 -1.57 7.49 -18.93
N PHE C 12 -1.44 8.08 -17.75
CA PHE C 12 -1.66 7.38 -16.50
C PHE C 12 -2.23 8.36 -15.48
N GLN C 13 -3.06 7.87 -14.56
CA GLN C 13 -3.55 8.64 -13.41
C GLN C 13 -2.40 9.17 -12.57
N VAL C 14 -2.56 10.37 -12.05
CA VAL C 14 -1.58 10.90 -11.11
C VAL C 14 -2.34 11.31 -9.83
N PRO C 15 -1.74 11.09 -8.65
CA PRO C 15 -0.42 10.46 -8.42
C PRO C 15 -0.35 9.04 -8.96
N ALA C 16 0.78 8.72 -9.56
CA ALA C 16 0.93 7.52 -10.34
C ALA C 16 0.95 6.29 -9.43
N LEU C 17 0.28 5.21 -9.83
CA LEU C 17 0.45 3.88 -9.21
C LEU C 17 0.45 3.85 -7.69
N PRO C 18 -0.67 4.27 -7.07
CA PRO C 18 -0.83 4.21 -5.60
C PRO C 18 -0.59 2.82 -5.02
N ALA C 19 -1.00 1.79 -5.75
CA ALA C 19 -0.91 0.44 -5.25
C ALA C 19 0.53 -0.08 -5.30
N CYS C 20 1.39 0.56 -6.10
CA CYS C 20 2.77 0.10 -6.24
C CYS C 20 3.71 0.72 -5.23
N ARG C 21 3.30 1.82 -4.62
CA ARG C 21 4.12 2.48 -3.62
C ARG C 21 4.32 1.66 -2.33
N PRO C 22 3.28 0.93 -1.88
CA PRO C 22 3.52 -0.03 -0.79
C PRO C 22 4.35 -1.25 -1.18
N LEU C 23 4.22 -1.70 -2.43
CA LEU C 23 5.05 -2.79 -2.96
C LEU C 23 6.54 -2.44 -2.97
N LEU C 24 6.88 -1.30 -3.56
CA LEU C 24 8.27 -0.83 -3.59
C LEU C 24 8.87 -0.69 -2.19
N ARG C 25 8.10 -0.22 -1.21
CA ARG C 25 8.58 -0.07 0.16
C ARG C 25 8.85 -1.37 0.89
N LEU C 26 8.07 -2.41 0.60
CA LEU C 26 8.33 -3.76 1.08
C LEU C 26 9.52 -4.38 0.37
N GLN C 27 9.53 -4.29 -0.95
CA GLN C 27 10.59 -4.89 -1.71
C GLN C 27 11.99 -4.33 -1.47
N CYS C 28 12.12 -3.02 -1.23
CA CYS C 28 13.44 -2.44 -1.25
C CYS C 28 14.28 -2.82 -0.03
N ASN C 29 13.65 -3.43 0.96
CA ASN C 29 14.43 -4.06 2.03
C ASN C 29 14.14 -5.55 2.24
N GLY C 30 13.65 -6.22 1.20
CA GLY C 30 13.54 -7.66 1.23
C GLY C 30 12.49 -8.24 2.17
N SER C 31 11.51 -7.44 2.54
CA SER C 31 10.36 -7.94 3.28
C SER C 31 9.54 -8.91 2.43
N GLN C 32 8.65 -9.64 3.09
CA GLN C 32 7.69 -10.49 2.40
C GLN C 32 6.55 -9.64 1.84
N VAL C 33 6.18 -9.85 0.58
CA VAL C 33 5.07 -9.09 0.05
C VAL C 33 3.84 -9.98 -0.10
N PRO C 34 2.75 -9.64 0.60
CA PRO C 34 1.45 -10.31 0.46
C PRO C 34 0.99 -10.32 -0.99
N GLU C 35 0.33 -11.38 -1.41
CA GLU C 35 -0.10 -11.48 -2.80
C GLU C 35 -1.07 -10.38 -3.22
N ALA C 36 -1.90 -9.91 -2.29
CA ALA C 36 -2.90 -8.88 -2.57
C ALA C 36 -2.25 -7.56 -2.91
N VAL C 37 -1.13 -7.23 -2.28
CA VAL C 37 -0.49 -5.98 -2.64
C VAL C 37 0.32 -6.02 -3.92
N LEU C 38 0.96 -7.14 -4.21
CA LEU C 38 1.55 -7.37 -5.53
C LEU C 38 0.48 -7.33 -6.63
N ARG C 39 -0.62 -8.05 -6.42
CA ARG C 39 -1.69 -8.15 -7.41
C ARG C 39 -2.28 -6.77 -7.79
N ASP C 40 -2.49 -5.91 -6.79
CA ASP C 40 -3.07 -4.60 -7.06
C ASP C 40 -2.10 -3.67 -7.80
N CYS C 41 -0.81 -3.77 -7.50
CA CYS C 41 0.15 -2.99 -8.22
C CYS C 41 0.21 -3.42 -9.66
N CYS C 42 0.25 -4.72 -9.90
CA CYS C 42 0.31 -5.23 -11.29
C CYS C 42 -0.93 -4.92 -12.13
N GLN C 43 -2.10 -4.98 -11.50
CA GLN C 43 -3.37 -4.59 -12.12
C GLN C 43 -3.39 -3.11 -12.55
N GLN C 44 -2.83 -2.23 -11.72
CA GLN C 44 -2.67 -0.82 -12.05
C GLN C 44 -1.66 -0.57 -13.17
N LEU C 45 -0.54 -1.28 -13.15
CA LEU C 45 0.40 -1.23 -14.27
C LEU C 45 -0.23 -1.76 -15.58
N ALA C 46 -0.99 -2.85 -15.47
CA ALA C 46 -1.58 -3.52 -16.62
C ALA C 46 -2.48 -2.59 -17.44
N HIS C 47 -3.09 -1.62 -16.75
CA HIS C 47 -3.96 -0.60 -17.37
C HIS C 47 -3.31 0.28 -18.44
N ILE C 48 -2.00 0.68 -17.95
CA ILE C 48 -1.20 1.64 -18.71
C ILE C 48 -0.60 0.91 -19.90
N SER C 49 -0.43 1.62 -21.00
CA SER C 49 0.13 1.02 -22.22
C SER C 49 1.62 0.68 -22.10
N GLU C 50 2.07 -0.26 -22.94
CA GLU C 50 3.47 -0.65 -22.93
C GLU C 50 4.43 0.50 -23.11
N TRP C 51 3.94 1.53 -23.79
CA TRP C 51 4.74 2.73 -24.06
C TRP C 51 4.91 3.62 -22.85
N CYS C 52 3.98 3.54 -21.90
CA CYS C 52 3.93 4.51 -20.80
C CYS C 52 4.11 3.93 -19.41
N ARG C 53 4.31 2.62 -19.33
CA ARG C 53 4.45 1.93 -18.05
C ARG C 53 5.71 2.40 -17.27
N CYS C 54 6.80 2.65 -17.98
CA CYS C 54 8.02 3.16 -17.33
C CYS C 54 7.90 4.63 -16.94
N GLY C 55 7.19 5.39 -17.76
CA GLY C 55 6.83 6.75 -17.42
C GLY C 55 5.99 6.86 -16.18
N ALA C 56 5.02 5.96 -16.00
CA ALA C 56 4.24 5.91 -14.78
C ALA C 56 5.08 5.58 -13.53
N LEU C 57 6.00 4.64 -13.67
CA LEU C 57 6.89 4.22 -12.57
C LEU C 57 7.88 5.33 -12.19
N TYR C 58 8.40 6.05 -13.20
CA TYR C 58 9.28 7.20 -12.99
C TYR C 58 8.57 8.30 -12.21
N SER C 59 7.36 8.63 -12.64
CA SER C 59 6.52 9.61 -11.96
C SER C 59 6.27 9.22 -10.50
N MET C 60 5.94 7.94 -10.27
CA MET C 60 5.73 7.42 -8.91
C MET C 60 6.97 7.58 -8.02
N LEU C 61 8.11 7.13 -8.52
CA LEU C 61 9.36 7.21 -7.79
C LEU C 61 9.72 8.67 -7.46
N ASP C 62 9.57 9.52 -8.44
CA ASP C 62 9.84 10.94 -8.28
C ASP C 62 8.92 11.54 -7.22
N SER C 63 7.63 11.21 -7.27
CA SER C 63 6.69 11.65 -6.24
C SER C 63 7.06 11.19 -4.82
N MET C 64 7.43 9.92 -4.67
CA MET C 64 7.82 9.41 -3.37
C MET C 64 9.05 10.10 -2.80
N TYR C 65 10.04 10.37 -3.65
CA TYR C 65 11.22 11.13 -3.25
C TYR C 65 10.98 12.61 -2.99
N LYS C 66 10.05 13.22 -3.73
CA LYS C 66 9.76 14.64 -3.59
C LYS C 66 8.79 14.97 -2.46
N GLU C 67 8.11 13.95 -1.95
CA GLU C 67 7.33 14.12 -0.72
C GLU C 67 8.18 13.76 0.50
N HIS C 68 8.87 12.63 0.40
CA HIS C 68 9.74 12.11 1.48
C HIS C 68 9.29 12.41 2.92
N GLY C 78 12.86 9.56 5.66
CA GLY C 78 13.14 9.23 4.28
C GLY C 78 11.93 8.61 3.60
N ALA C 79 11.88 8.66 2.26
CA ALA C 79 10.72 8.10 1.56
C ALA C 79 10.73 6.59 1.68
N PHE C 80 11.92 6.01 1.89
CA PHE C 80 12.13 4.56 1.89
C PHE C 80 12.87 4.03 3.11
N PRO C 81 12.11 3.64 4.15
CA PRO C 81 12.69 3.31 5.45
C PRO C 81 13.43 2.01 5.35
N ARG C 82 14.70 2.05 5.73
CA ARG C 82 15.55 0.87 5.76
C ARG C 82 16.02 0.41 4.39
N CYS C 83 15.86 1.28 3.39
CA CYS C 83 16.27 0.97 2.01
C CYS C 83 17.42 1.84 1.51
N ARG C 84 18.30 1.21 0.75
CA ARG C 84 19.40 1.92 0.09
C ARG C 84 18.94 2.55 -1.20
N ARG C 85 19.36 3.79 -1.43
CA ARG C 85 19.10 4.52 -2.67
C ARG C 85 19.23 3.65 -3.93
N GLU C 86 20.37 2.96 -4.04
CA GLU C 86 20.68 2.15 -5.22
C GLU C 86 19.66 1.01 -5.43
N VAL C 87 19.33 0.30 -4.35
CA VAL C 87 18.40 -0.80 -4.49
C VAL C 87 16.95 -0.32 -4.65
N VAL C 88 16.63 0.87 -4.14
CA VAL C 88 15.31 1.47 -4.37
C VAL C 88 15.03 1.69 -5.86
N LYS C 89 15.98 2.30 -6.57
CA LYS C 89 15.73 2.61 -7.97
C LYS C 89 15.89 1.42 -8.93
N LEU C 90 16.72 0.46 -8.52
CA LEU C 90 16.77 -0.87 -9.15
C LEU C 90 15.47 -1.65 -9.00
N THR C 91 14.90 -1.60 -7.80
CA THR C 91 13.64 -2.26 -7.51
C THR C 91 12.47 -1.66 -8.26
N ALA C 92 12.38 -0.33 -8.30
CA ALA C 92 11.32 0.34 -9.04
C ALA C 92 11.41 0.04 -10.56
N ALA C 93 12.65 -0.09 -11.05
CA ALA C 93 12.92 -0.34 -12.48
C ALA C 93 12.47 -1.71 -12.97
N SER C 94 12.25 -2.64 -12.05
CA SER C 94 11.90 -4.01 -12.43
C SER C 94 10.57 -4.50 -11.87
N ILE C 95 9.74 -3.59 -11.38
CA ILE C 95 8.40 -3.94 -10.84
C ILE C 95 7.57 -4.52 -11.98
N THR C 96 7.92 -4.05 -13.17
CA THR C 96 7.22 -4.36 -14.39
C THR C 96 7.64 -5.78 -14.85
N ALA C 97 8.86 -6.16 -14.51
CA ALA C 97 9.32 -7.53 -14.70
C ALA C 97 8.71 -8.54 -13.70
N VAL C 98 8.63 -8.17 -12.42
CA VAL C 98 7.96 -9.06 -11.45
C VAL C 98 6.45 -9.22 -11.70
N CYS C 99 5.82 -8.23 -12.34
CA CYS C 99 4.45 -8.36 -12.85
C CYS C 99 4.33 -9.07 -14.22
N ARG C 100 5.47 -9.38 -14.85
CA ARG C 100 5.55 -9.93 -16.22
C ARG C 100 4.78 -9.09 -17.24
N LEU C 101 4.95 -7.78 -17.14
CA LEU C 101 4.33 -6.79 -18.01
C LEU C 101 5.44 -6.19 -18.89
N PRO C 102 5.43 -6.49 -20.18
CA PRO C 102 6.44 -5.88 -21.06
C PRO C 102 6.27 -4.38 -21.26
N ILE C 103 7.37 -3.72 -21.60
CA ILE C 103 7.40 -2.30 -21.91
C ILE C 103 8.11 -2.11 -23.26
N VAL C 104 7.88 -0.99 -23.94
CA VAL C 104 8.71 -0.71 -25.11
C VAL C 104 9.76 0.31 -24.75
N VAL C 105 10.99 -0.08 -25.06
CA VAL C 105 12.21 0.59 -24.62
C VAL C 105 12.36 1.99 -25.23
N ASP C 106 12.02 2.10 -26.51
CA ASP C 106 11.84 3.41 -27.14
C ASP C 106 11.18 3.34 -28.52
N ALA C 107 11.45 4.36 -29.34
CA ALA C 107 10.73 4.61 -30.60
C ALA C 107 10.85 3.48 -31.61
N SER C 108 11.93 2.71 -31.49
CA SER C 108 12.15 1.51 -32.31
C SER C 108 11.02 0.49 -32.16
N GLY C 109 10.41 0.47 -30.97
CA GLY C 109 9.47 -0.58 -30.62
C GLY C 109 10.12 -1.78 -29.94
N ASP C 110 11.42 -1.67 -29.66
CA ASP C 110 12.15 -2.68 -28.93
C ASP C 110 11.50 -2.90 -27.59
N GLY C 111 11.19 -4.15 -27.28
CA GLY C 111 10.54 -4.50 -26.03
C GLY C 111 11.51 -4.91 -24.94
N ALA C 112 11.03 -4.88 -23.71
CA ALA C 112 11.79 -5.29 -22.52
C ALA C 112 10.82 -5.53 -21.34
N TYR C 113 11.35 -5.88 -20.16
CA TYR C 113 10.52 -6.08 -18.95
C TYR C 113 11.02 -5.18 -17.85
N VAL C 114 11.88 -4.24 -18.22
CA VAL C 114 12.70 -3.55 -17.25
C VAL C 114 12.89 -2.10 -17.71
N CYS C 115 12.80 -1.16 -16.77
CA CYS C 115 12.83 0.28 -17.08
C CYS C 115 14.17 0.94 -16.77
N LYS C 116 14.99 1.09 -17.79
CA LYS C 116 16.33 1.66 -17.60
C LYS C 116 16.33 3.15 -17.19
N ASP C 117 15.34 3.90 -17.68
CA ASP C 117 15.21 5.29 -17.34
C ASP C 117 14.96 5.47 -15.84
N VAL C 118 14.17 4.55 -15.28
CA VAL C 118 13.87 4.54 -13.85
C VAL C 118 15.06 4.09 -13.02
N ALA C 119 15.80 3.10 -13.52
CA ALA C 119 17.02 2.65 -12.87
C ALA C 119 18.11 3.74 -12.71
N ALA C 120 18.09 4.72 -13.62
CA ALA C 120 19.05 5.82 -13.63
C ALA C 120 18.51 7.13 -13.04
N TYR C 121 17.34 7.08 -12.41
CA TYR C 121 16.80 8.23 -11.67
C TYR C 121 17.87 8.90 -10.75
N PRO C 122 17.97 10.25 -10.76
CA PRO C 122 17.00 11.25 -11.23
C PRO C 122 17.32 11.83 -12.60
N ASP C 123 18.19 11.15 -13.34
CA ASP C 123 18.60 11.62 -14.66
C ASP C 123 17.71 11.12 -15.80
N ALA C 124 17.86 9.85 -16.17
CA ALA C 124 17.09 9.29 -17.28
C ALA C 124 15.65 8.97 -16.86
N MET D 5 32.87 -16.11 1.72
CA MET D 5 32.56 -15.82 0.28
C MET D 5 31.73 -16.94 -0.38
N CYS D 6 31.13 -16.65 -1.53
CA CYS D 6 30.40 -17.67 -2.28
C CYS D 6 31.31 -18.25 -3.34
N TYR D 7 31.84 -19.44 -3.10
CA TYR D 7 32.75 -20.03 -4.09
C TYR D 7 32.02 -20.70 -5.25
N PRO D 8 32.28 -20.24 -6.48
CA PRO D 8 31.79 -20.93 -7.68
C PRO D 8 32.13 -22.41 -7.65
N GLY D 9 31.14 -23.27 -7.86
CA GLY D 9 31.41 -24.68 -7.88
C GLY D 9 31.04 -25.35 -6.59
N GLN D 10 30.88 -24.57 -5.53
CA GLN D 10 30.36 -25.14 -4.30
C GLN D 10 29.20 -24.40 -3.66
N ALA D 11 29.25 -23.08 -3.62
CA ALA D 11 28.07 -22.35 -3.18
C ALA D 11 26.96 -22.54 -4.23
N PHE D 12 27.36 -22.70 -5.49
CA PHE D 12 26.43 -22.97 -6.57
C PHE D 12 27.13 -23.77 -7.64
N GLN D 13 26.38 -24.55 -8.41
CA GLN D 13 26.94 -25.30 -9.53
C GLN D 13 27.43 -24.35 -10.59
N VAL D 14 28.52 -24.72 -11.22
CA VAL D 14 29.02 -24.02 -12.39
C VAL D 14 29.11 -25.03 -13.57
N PRO D 15 28.70 -24.61 -14.80
CA PRO D 15 28.19 -23.30 -15.17
C PRO D 15 26.88 -22.94 -14.47
N ALA D 16 26.82 -21.69 -13.98
CA ALA D 16 25.79 -21.29 -13.03
C ALA D 16 24.45 -21.18 -13.74
N LEU D 17 23.40 -21.65 -13.07
CA LEU D 17 22.02 -21.38 -13.49
C LEU D 17 21.71 -21.64 -14.96
N PRO D 18 21.85 -22.89 -15.41
CA PRO D 18 21.61 -23.21 -16.83
C PRO D 18 20.18 -22.86 -17.28
N ALA D 19 19.24 -22.98 -16.38
CA ALA D 19 17.83 -22.80 -16.71
C ALA D 19 17.47 -21.33 -16.80
N CYS D 20 18.33 -20.48 -16.24
CA CYS D 20 18.07 -19.05 -16.27
C CYS D 20 18.64 -18.36 -17.47
N ARG D 21 19.56 -19.01 -18.18
CA ARG D 21 20.14 -18.40 -19.37
C ARG D 21 19.11 -18.23 -20.50
N PRO D 22 18.25 -19.26 -20.72
CA PRO D 22 17.17 -19.06 -21.68
C PRO D 22 16.10 -18.03 -21.24
N LEU D 23 15.87 -17.90 -19.93
CA LEU D 23 14.99 -16.88 -19.38
C LEU D 23 15.50 -15.47 -19.65
N LEU D 24 16.76 -15.20 -19.30
CA LEU D 24 17.36 -13.88 -19.56
C LEU D 24 17.35 -13.47 -21.06
N ARG D 25 17.61 -14.43 -21.96
CA ARG D 25 17.54 -14.17 -23.39
C ARG D 25 16.13 -13.83 -23.91
N LEU D 26 15.09 -14.49 -23.39
CA LEU D 26 13.69 -14.12 -23.69
C LEU D 26 13.31 -12.74 -23.11
N GLN D 27 13.69 -12.51 -21.86
CA GLN D 27 13.32 -11.27 -21.19
C GLN D 27 14.02 -10.05 -21.74
N CYS D 28 15.26 -10.16 -22.17
CA CYS D 28 15.99 -8.94 -22.48
C CYS D 28 15.50 -8.26 -23.74
N ASN D 29 14.66 -8.93 -24.50
CA ASN D 29 13.96 -8.24 -25.58
C ASN D 29 12.43 -8.33 -25.49
N GLY D 30 11.91 -8.56 -24.30
CA GLY D 30 10.48 -8.45 -24.09
C GLY D 30 9.63 -9.56 -24.68
N SER D 31 10.25 -10.71 -24.99
CA SER D 31 9.50 -11.85 -25.50
C SER D 31 8.62 -12.44 -24.42
N GLN D 32 7.65 -13.22 -24.84
CA GLN D 32 6.81 -13.96 -23.90
C GLN D 32 7.61 -15.09 -23.29
N VAL D 33 7.58 -15.23 -21.97
CA VAL D 33 8.27 -16.37 -21.36
C VAL D 33 7.31 -17.45 -20.87
N PRO D 34 7.47 -18.68 -21.41
CA PRO D 34 6.69 -19.84 -20.97
C PRO D 34 6.80 -20.07 -19.46
N GLU D 35 5.73 -20.54 -18.84
CA GLU D 35 5.79 -20.77 -17.40
C GLU D 35 6.80 -21.86 -17.01
N ALA D 36 7.03 -22.80 -17.91
CA ALA D 36 8.03 -23.84 -17.71
C ALA D 36 9.47 -23.34 -17.59
N VAL D 37 9.85 -22.36 -18.40
CA VAL D 37 11.21 -21.86 -18.31
C VAL D 37 11.44 -20.90 -17.14
N LEU D 38 10.43 -20.11 -16.81
CA LEU D 38 10.44 -19.33 -15.57
C LEU D 38 10.56 -20.27 -14.35
N ARG D 39 9.75 -21.31 -14.35
CA ARG D 39 9.68 -22.26 -13.26
C ARG D 39 11.00 -22.96 -12.94
N ASP D 40 11.72 -23.33 -13.99
CA ASP D 40 12.96 -24.07 -13.86
C ASP D 40 14.11 -23.20 -13.44
N CYS D 41 14.10 -21.97 -13.91
CA CYS D 41 15.09 -20.98 -13.48
C CYS D 41 14.94 -20.65 -12.01
N CYS D 42 13.71 -20.40 -11.57
CA CYS D 42 13.42 -20.07 -10.16
C CYS D 42 13.75 -21.23 -9.22
N GLN D 43 13.43 -22.42 -9.66
CA GLN D 43 13.78 -23.64 -8.96
C GLN D 43 15.27 -23.73 -8.66
N GLN D 44 16.10 -23.47 -9.66
CA GLN D 44 17.54 -23.41 -9.51
C GLN D 44 18.05 -22.32 -8.57
N LEU D 45 17.51 -21.11 -8.71
CA LEU D 45 17.76 -20.01 -7.77
C LEU D 45 17.33 -20.31 -6.33
N ALA D 46 16.16 -20.91 -6.16
CA ALA D 46 15.61 -21.26 -4.86
C ALA D 46 16.56 -22.14 -4.03
N HIS D 47 17.36 -22.97 -4.70
CA HIS D 47 18.28 -23.89 -4.02
C HIS D 47 19.57 -23.24 -3.55
N ILE D 48 19.92 -22.11 -4.14
CA ILE D 48 21.09 -21.38 -3.69
C ILE D 48 20.69 -20.50 -2.51
N SER D 49 21.60 -20.31 -1.55
CA SER D 49 21.30 -19.50 -0.38
C SER D 49 21.09 -18.01 -0.72
N GLU D 50 20.32 -17.32 0.12
CA GLU D 50 20.08 -15.89 -0.01
C GLU D 50 21.37 -15.11 -0.19
N TRP D 51 22.44 -15.60 0.45
CA TRP D 51 23.75 -14.95 0.42
C TRP D 51 24.43 -15.09 -0.92
N CYS D 52 24.11 -16.15 -1.66
CA CYS D 52 24.87 -16.51 -2.87
C CYS D 52 24.08 -16.44 -4.15
N ARG D 53 22.81 -16.10 -4.05
CA ARG D 53 21.96 -15.93 -5.21
C ARG D 53 22.46 -14.87 -6.21
N CYS D 54 22.90 -13.71 -5.72
CA CYS D 54 23.45 -12.68 -6.62
C CYS D 54 24.78 -13.10 -7.21
N GLY D 55 25.57 -13.84 -6.43
CA GLY D 55 26.81 -14.42 -6.93
C GLY D 55 26.62 -15.44 -8.04
N ALA D 56 25.59 -16.27 -7.96
CA ALA D 56 25.22 -17.21 -9.03
C ALA D 56 24.81 -16.50 -10.31
N LEU D 57 24.07 -15.41 -10.18
CA LEU D 57 23.62 -14.60 -11.34
C LEU D 57 24.77 -13.84 -12.01
N TYR D 58 25.70 -13.34 -11.21
CA TYR D 58 26.90 -12.68 -11.71
C TYR D 58 27.74 -13.66 -12.54
N SER D 59 27.99 -14.83 -11.97
CA SER D 59 28.72 -15.91 -12.65
C SER D 59 28.07 -16.31 -13.96
N MET D 60 26.75 -16.51 -13.93
CA MET D 60 25.99 -16.83 -15.13
C MET D 60 26.14 -15.76 -16.21
N LEU D 61 25.95 -14.50 -15.84
CA LEU D 61 26.04 -13.38 -16.80
C LEU D 61 27.45 -13.24 -17.39
N ASP D 62 28.43 -13.36 -16.52
CA ASP D 62 29.83 -13.33 -16.91
C ASP D 62 30.16 -14.46 -17.89
N SER D 63 29.69 -15.68 -17.62
CA SER D 63 29.87 -16.80 -18.55
C SER D 63 29.24 -16.61 -19.94
N MET D 64 28.02 -16.09 -19.98
CA MET D 64 27.35 -15.80 -21.24
C MET D 64 28.10 -14.78 -22.08
N TYR D 65 28.59 -13.74 -21.43
CA TYR D 65 29.38 -12.73 -22.08
C TYR D 65 30.75 -13.19 -22.53
N LYS D 66 31.36 -14.07 -21.75
CA LYS D 66 32.69 -14.60 -22.04
C LYS D 66 32.69 -15.80 -22.98
N GLU D 67 31.53 -16.39 -23.22
CA GLU D 67 31.39 -17.34 -24.31
C GLU D 67 30.95 -16.61 -25.60
N HIS D 68 29.95 -15.73 -25.46
CA HIS D 68 29.36 -14.97 -26.58
C HIS D 68 29.33 -15.64 -27.96
N GLY D 78 26.55 -12.15 -30.80
CA GLY D 78 26.54 -11.67 -29.43
C GLY D 78 25.85 -12.65 -28.47
N ALA D 79 26.11 -12.51 -27.18
CA ALA D 79 25.57 -13.45 -26.21
C ALA D 79 24.06 -13.25 -26.11
N PHE D 80 23.60 -12.04 -26.45
CA PHE D 80 22.20 -11.65 -26.29
C PHE D 80 21.57 -11.05 -27.54
N PRO D 81 20.89 -11.88 -28.35
CA PRO D 81 20.41 -11.46 -29.68
C PRO D 81 19.20 -10.54 -29.59
N ARG D 82 19.34 -9.36 -30.17
CA ARG D 82 18.27 -8.37 -30.14
C ARG D 82 18.10 -7.65 -28.80
N CYS D 83 19.12 -7.72 -27.95
CA CYS D 83 19.10 -7.06 -26.65
C CYS D 83 20.18 -6.01 -26.44
N ARG D 84 19.80 -4.95 -25.77
CA ARG D 84 20.74 -3.90 -25.36
C ARG D 84 21.52 -4.23 -24.09
N ARG D 85 22.82 -3.96 -24.10
CA ARG D 85 23.72 -4.16 -22.95
C ARG D 85 23.10 -3.72 -21.63
N GLU D 86 22.54 -2.52 -21.64
CA GLU D 86 21.97 -1.92 -20.43
C GLU D 86 20.78 -2.71 -19.89
N VAL D 87 19.87 -3.10 -20.77
CA VAL D 87 18.73 -3.84 -20.29
C VAL D 87 19.09 -5.28 -19.95
N VAL D 88 20.11 -5.84 -20.59
CA VAL D 88 20.52 -7.20 -20.27
C VAL D 88 20.99 -7.31 -18.82
N LYS D 89 21.81 -6.36 -18.37
CA LYS D 89 22.31 -6.46 -16.99
C LYS D 89 21.30 -6.00 -15.93
N LEU D 90 20.40 -5.10 -16.31
CA LEU D 90 19.26 -4.75 -15.47
C LEU D 90 18.32 -5.93 -15.28
N THR D 91 18.11 -6.68 -16.36
CA THR D 91 17.25 -7.88 -16.35
C THR D 91 17.84 -9.02 -15.52
N ALA D 92 19.13 -9.29 -15.70
CA ALA D 92 19.78 -10.31 -14.91
C ALA D 92 19.76 -9.95 -13.44
N ALA D 93 19.85 -8.67 -13.14
CA ALA D 93 19.85 -8.18 -11.76
C ALA D 93 18.53 -8.37 -10.99
N SER D 94 17.43 -8.59 -11.69
CA SER D 94 16.12 -8.68 -11.04
C SER D 94 15.39 -10.00 -11.30
N ILE D 95 16.10 -11.01 -11.80
CA ILE D 95 15.52 -12.32 -12.08
C ILE D 95 15.05 -12.93 -10.75
N THR D 96 15.74 -12.50 -9.72
CA THR D 96 15.59 -12.95 -8.36
C THR D 96 14.32 -12.28 -7.73
N ALA D 97 14.03 -11.05 -8.17
CA ALA D 97 12.77 -10.36 -7.90
C ALA D 97 11.56 -11.00 -8.61
N VAL D 98 11.68 -11.30 -9.90
CA VAL D 98 10.59 -11.99 -10.60
C VAL D 98 10.31 -13.42 -10.08
N CYS D 99 11.33 -14.07 -9.50
CA CYS D 99 11.13 -15.34 -8.79
C CYS D 99 10.65 -15.18 -7.35
N ARG D 100 10.54 -13.93 -6.89
CA ARG D 100 10.17 -13.59 -5.49
C ARG D 100 11.08 -14.29 -4.45
N LEU D 101 12.36 -14.28 -4.75
CA LEU D 101 13.39 -14.90 -3.92
C LEU D 101 14.26 -13.75 -3.37
N PRO D 102 14.26 -13.54 -2.03
CA PRO D 102 15.13 -12.53 -1.42
C PRO D 102 16.63 -12.86 -1.40
N ILE D 103 17.44 -11.82 -1.45
CA ILE D 103 18.88 -11.94 -1.36
C ILE D 103 19.35 -11.11 -0.15
N VAL D 104 20.53 -11.41 0.39
CA VAL D 104 21.11 -10.47 1.35
C VAL D 104 22.20 -9.61 0.70
N VAL D 105 22.00 -8.30 0.82
CA VAL D 105 22.73 -7.30 0.06
C VAL D 105 24.19 -7.34 0.43
N ASP D 106 24.46 -7.40 1.73
CA ASP D 106 25.82 -7.61 2.22
C ASP D 106 25.92 -8.06 3.67
N ALA D 107 27.11 -7.84 4.26
CA ALA D 107 27.47 -8.32 5.60
C ALA D 107 26.58 -7.85 6.75
N SER D 108 25.89 -6.73 6.54
CA SER D 108 24.83 -6.27 7.44
C SER D 108 23.68 -7.27 7.59
N GLY D 109 23.37 -7.99 6.52
CA GLY D 109 22.21 -8.88 6.52
C GLY D 109 20.99 -8.18 5.96
N ASP D 110 21.20 -6.95 5.49
CA ASP D 110 20.18 -6.17 4.78
C ASP D 110 19.64 -7.00 3.64
N GLY D 111 18.32 -7.18 3.59
CA GLY D 111 17.69 -7.93 2.51
C GLY D 111 17.24 -7.09 1.32
N ALA D 112 17.06 -7.75 0.19
CA ALA D 112 16.54 -7.10 -1.02
C ALA D 112 16.07 -8.21 -1.97
N TYR D 113 15.52 -7.83 -3.12
CA TYR D 113 15.04 -8.79 -4.13
C TYR D 113 15.85 -8.62 -5.43
N VAL D 114 16.90 -7.83 -5.36
CA VAL D 114 17.52 -7.26 -6.53
C VAL D 114 19.04 -7.20 -6.31
N CYS D 115 19.79 -7.55 -7.33
CA CYS D 115 21.25 -7.72 -7.25
C CYS D 115 22.02 -6.55 -7.86
N LYS D 116 22.43 -5.60 -7.03
CA LYS D 116 23.07 -4.39 -7.51
C LYS D 116 24.47 -4.61 -8.11
N ASP D 117 25.16 -5.63 -7.63
CA ASP D 117 26.44 -6.05 -8.20
C ASP D 117 26.33 -6.56 -9.64
N VAL D 118 25.25 -7.28 -9.93
CA VAL D 118 24.95 -7.76 -11.28
C VAL D 118 24.51 -6.61 -12.21
N ALA D 119 23.76 -5.65 -11.68
CA ALA D 119 23.37 -4.48 -12.48
C ALA D 119 24.56 -3.58 -12.88
N ALA D 120 25.66 -3.66 -12.13
CA ALA D 120 26.82 -2.83 -12.40
C ALA D 120 27.92 -3.57 -13.13
N TYR D 121 27.66 -4.81 -13.55
CA TYR D 121 28.60 -5.62 -14.33
C TYR D 121 29.22 -4.80 -15.51
N PRO D 122 30.55 -4.93 -15.74
CA PRO D 122 31.46 -5.98 -15.28
C PRO D 122 32.31 -5.55 -14.08
N ASP D 123 31.86 -4.51 -13.38
CA ASP D 123 32.59 -3.98 -12.22
C ASP D 123 32.18 -4.59 -10.86
N ALA D 124 31.02 -4.18 -10.35
CA ALA D 124 30.55 -4.68 -9.06
C ALA D 124 30.05 -6.12 -9.16
#